data_4MTL
#
_entry.id   4MTL
#
_cell.length_a   103.554
_cell.length_b   43.247
_cell.length_c   119.454
_cell.angle_alpha   90.000
_cell.angle_beta   99.170
_cell.angle_gamma   90.000
#
_symmetry.space_group_name_H-M   'I 1 2 1'
#
loop_
_entity.id
_entity.type
_entity.pdbx_description
1 polymer 'Protein-lysine methyltransferase METTL21C'
2 non-polymer S-ADENOSYL-L-HOMOCYSTEINE
3 non-polymer 'UNKNOWN ATOM OR ION'
4 water water
#
_entity_poly.entity_id   1
_entity_poly.type   'polypeptide(L)'
_entity_poly.pdbx_seq_one_letter_code
;GGGWLEAEKKGAPQKDSTGGVLEESNKIEPSLHSLQKFVPTDYASYTQEHYRFAGKEIVIQESIESYGAVVWPGAMALCQ
YLEEHAEELNFQDAKILEIGAGPGLVSIVASILGAQVTATDLPDVLGNLQYNLLKNTLQCTAHLPEVKELVWGEDLDKNF
PKSAFYYDYVLASDVVYHHYFLDKLLTTMVYLSQPGTVLLWANKFRFSTDYEFLDKFKQVFDTTLLAEYPESSVKLFKGI
LKWD
;
_entity_poly.pdbx_strand_id   A,B
#
# COMPACT_ATOMS: atom_id res chain seq x y z
CA LYS A 37 25.31 -24.08 9.88
C LYS A 37 24.68 -23.78 8.51
N PHE A 38 24.22 -22.54 8.33
CA PHE A 38 23.44 -22.11 7.13
C PHE A 38 24.30 -21.84 5.88
N VAL A 39 23.84 -22.35 4.71
CA VAL A 39 24.58 -22.24 3.43
C VAL A 39 23.73 -21.43 2.42
N PRO A 40 24.35 -20.42 1.68
CA PRO A 40 23.47 -19.61 0.78
C PRO A 40 22.83 -20.44 -0.35
N THR A 41 21.59 -20.13 -0.67
CA THR A 41 20.92 -20.76 -1.82
C THR A 41 21.80 -20.59 -3.10
N ASP A 42 21.90 -21.67 -3.89
CA ASP A 42 22.87 -21.74 -5.01
C ASP A 42 22.37 -21.07 -6.30
N TYR A 43 22.16 -19.76 -6.25
CA TYR A 43 21.72 -19.01 -7.43
C TYR A 43 22.93 -18.70 -8.32
N ALA A 44 22.72 -18.79 -9.63
CA ALA A 44 23.74 -18.40 -10.60
C ALA A 44 23.72 -16.89 -10.83
N SER A 45 22.70 -16.21 -10.25
CA SER A 45 22.43 -14.80 -10.52
C SER A 45 22.85 -13.86 -9.36
N TYR A 46 23.79 -14.28 -8.52
CA TYR A 46 24.25 -13.39 -7.44
C TYR A 46 25.07 -12.24 -8.01
N THR A 47 24.83 -11.05 -7.46
CA THR A 47 25.59 -9.84 -7.76
C THR A 47 26.13 -9.22 -6.46
N GLN A 48 27.19 -8.42 -6.56
CA GLN A 48 27.80 -7.77 -5.38
C GLN A 48 27.44 -6.30 -5.44
N GLU A 49 26.63 -5.88 -4.48
CA GLU A 49 26.07 -4.56 -4.50
C GLU A 49 26.73 -3.77 -3.37
N HIS A 50 26.87 -2.47 -3.57
CA HIS A 50 27.75 -1.64 -2.79
C HIS A 50 26.97 -0.55 -2.12
N TYR A 51 27.01 -0.50 -0.78
CA TYR A 51 26.30 0.48 0.04
C TYR A 51 27.26 1.18 0.98
N ARG A 52 26.87 2.35 1.47
CA ARG A 52 27.63 3.08 2.49
C ARG A 52 26.69 3.62 3.58
N PHE A 53 26.79 3.06 4.79
CA PHE A 53 26.01 3.54 5.94
C PHE A 53 26.83 3.52 7.19
N ALA A 54 26.51 4.44 8.09
CA ALA A 54 27.17 4.56 9.40
C ALA A 54 28.68 4.55 9.26
N GLY A 55 29.17 5.14 8.17
CA GLY A 55 30.60 5.28 7.96
C GLY A 55 31.36 4.09 7.36
N LYS A 56 30.71 2.94 7.21
CA LYS A 56 31.36 1.76 6.61
C LYS A 56 30.90 1.54 5.17
N GLU A 57 31.83 1.13 4.32
CA GLU A 57 31.51 0.67 2.98
CA GLU A 57 31.49 0.65 2.96
C GLU A 57 31.09 -0.81 3.10
N ILE A 58 29.88 -1.12 2.66
CA ILE A 58 29.24 -2.42 2.93
C ILE A 58 28.94 -3.11 1.62
N VAL A 59 29.31 -4.37 1.51
CA VAL A 59 29.01 -5.14 0.31
CA VAL A 59 29.03 -5.14 0.30
C VAL A 59 27.94 -6.19 0.61
N ILE A 60 26.88 -6.18 -0.18
CA ILE A 60 25.77 -7.12 0.01
C ILE A 60 25.62 -7.97 -1.24
N GLN A 61 25.77 -9.29 -1.09
CA GLN A 61 25.49 -10.21 -2.19
C GLN A 61 23.97 -10.32 -2.36
N GLU A 62 23.50 -10.11 -3.60
CA GLU A 62 22.07 -10.05 -3.89
C GLU A 62 21.71 -10.95 -5.06
N SER A 63 20.49 -11.43 -5.08
CA SER A 63 19.97 -12.13 -6.26
C SER A 63 18.53 -11.77 -6.46
N ILE A 64 18.18 -11.36 -7.68
CA ILE A 64 16.78 -11.06 -7.98
C ILE A 64 15.85 -12.29 -7.94
N GLU A 65 16.39 -13.50 -7.80
CA GLU A 65 15.56 -14.69 -7.73
C GLU A 65 14.88 -14.93 -6.39
N SER A 66 15.20 -14.11 -5.39
CA SER A 66 14.55 -14.18 -4.11
C SER A 66 14.35 -12.77 -3.52
N TYR A 67 13.14 -12.44 -3.09
CA TYR A 67 12.93 -11.15 -2.38
C TYR A 67 13.90 -11.01 -1.21
N GLY A 68 14.13 -12.12 -0.49
CA GLY A 68 15.05 -12.12 0.62
C GLY A 68 16.51 -12.01 0.31
N ALA A 69 16.89 -12.03 -0.98
CA ALA A 69 18.27 -11.76 -1.39
C ALA A 69 18.42 -10.41 -2.11
N VAL A 70 17.45 -9.52 -1.90
CA VAL A 70 17.42 -8.17 -2.48
C VAL A 70 17.23 -7.15 -1.33
N VAL A 71 18.01 -6.04 -1.41
CA VAL A 71 17.79 -4.87 -0.56
C VAL A 71 16.64 -4.02 -1.15
N TRP A 72 15.66 -3.72 -0.32
CA TRP A 72 14.41 -3.05 -0.70
C TRP A 72 14.39 -1.61 -0.18
N PRO A 73 13.50 -0.78 -0.73
CA PRO A 73 13.50 0.64 -0.34
C PRO A 73 13.31 0.90 1.17
N GLY A 74 12.47 0.14 1.82
CA GLY A 74 12.36 0.33 3.28
C GLY A 74 13.71 0.19 4.05
N ALA A 75 14.55 -0.74 3.61
CA ALA A 75 15.83 -0.98 4.24
C ALA A 75 16.70 0.28 4.19
N MET A 76 16.75 0.91 3.01
CA MET A 76 17.57 2.08 2.80
C MET A 76 17.15 3.20 3.70
N ALA A 77 15.85 3.41 3.76
CA ALA A 77 15.30 4.48 4.59
C ALA A 77 15.55 4.20 6.08
N LEU A 78 15.37 2.97 6.51
CA LEU A 78 15.58 2.62 7.90
C LEU A 78 17.11 2.76 8.29
N CYS A 79 18.00 2.24 7.45
CA CYS A 79 19.42 2.45 7.65
C CYS A 79 19.73 3.94 7.74
N GLN A 80 19.24 4.76 6.82
CA GLN A 80 19.50 6.21 6.88
C GLN A 80 19.03 6.75 8.24
N TYR A 81 17.84 6.33 8.69
CA TYR A 81 17.33 6.78 10.03
C TYR A 81 18.22 6.34 11.21
N LEU A 82 18.65 5.08 11.21
CA LEU A 82 19.43 4.57 12.32
C LEU A 82 20.75 5.32 12.42
N GLU A 83 21.37 5.55 11.25
CA GLU A 83 22.65 6.31 11.11
C GLU A 83 22.50 7.76 11.66
N GLU A 84 21.42 8.42 11.27
CA GLU A 84 21.18 9.81 11.67
C GLU A 84 20.69 9.95 13.13
N HIS A 85 20.08 8.92 13.71
CA HIS A 85 19.50 8.98 15.09
C HIS A 85 20.19 8.09 16.13
N ALA A 86 21.40 7.61 15.81
CA ALA A 86 22.10 6.62 16.64
C ALA A 86 22.25 7.08 18.10
N GLU A 87 22.59 8.37 18.30
CA GLU A 87 22.75 8.96 19.62
C GLU A 87 21.48 8.81 20.43
N GLU A 88 20.34 9.24 19.86
CA GLU A 88 19.06 9.16 20.57
C GLU A 88 18.69 7.71 20.95
N LEU A 89 18.90 6.80 20.01
CA LEU A 89 18.42 5.41 20.14
C LEU A 89 19.24 4.54 21.12
N ASN A 90 20.43 4.97 21.49
CA ASN A 90 21.28 4.18 22.43
C ASN A 90 21.25 2.71 22.02
N PHE A 91 21.63 2.47 20.75
CA PHE A 91 21.87 1.11 20.25
C PHE A 91 23.14 0.48 20.85
N GLN A 92 24.01 1.25 21.51
CA GLN A 92 25.20 0.65 22.08
C GLN A 92 24.74 -0.39 23.10
N ASP A 93 25.13 -1.65 22.83
CA ASP A 93 24.80 -2.79 23.68
C ASP A 93 23.32 -3.17 23.71
N ALA A 94 22.48 -2.48 22.93
CA ALA A 94 21.06 -2.81 22.87
C ALA A 94 20.86 -4.18 22.24
N LYS A 95 19.85 -4.91 22.73
CA LYS A 95 19.43 -6.19 22.19
C LYS A 95 18.39 -5.96 21.10
N ILE A 96 18.66 -6.43 19.92
CA ILE A 96 17.81 -6.11 18.78
C ILE A 96 17.46 -7.34 17.97
N LEU A 97 16.21 -7.44 17.52
CA LEU A 97 15.81 -8.51 16.59
C LEU A 97 15.26 -7.88 15.32
N GLU A 98 15.70 -8.39 14.17
CA GLU A 98 15.12 -7.98 12.89
C GLU A 98 14.29 -9.13 12.30
N ILE A 99 13.05 -8.82 11.96
CA ILE A 99 12.21 -9.78 11.27
C ILE A 99 12.25 -9.54 9.77
N GLY A 100 12.28 -10.64 9.00
CA GLY A 100 12.33 -10.53 7.53
C GLY A 100 13.57 -9.79 7.06
N ALA A 101 14.73 -10.12 7.65
CA ALA A 101 15.97 -9.34 7.45
C ALA A 101 16.53 -9.44 6.03
N GLY A 102 16.12 -10.47 5.30
CA GLY A 102 16.49 -10.64 3.89
C GLY A 102 18.01 -10.69 3.78
N PRO A 103 18.61 -9.83 2.95
CA PRO A 103 20.04 -9.99 2.71
C PRO A 103 20.87 -9.41 3.83
N GLY A 104 20.20 -8.71 4.78
CA GLY A 104 20.82 -8.31 6.08
C GLY A 104 21.38 -6.88 6.22
N LEU A 105 21.10 -5.99 5.29
CA LEU A 105 21.70 -4.63 5.38
C LEU A 105 21.35 -3.92 6.66
N VAL A 106 20.09 -3.96 7.04
CA VAL A 106 19.65 -3.29 8.30
C VAL A 106 20.32 -3.89 9.54
N SER A 107 20.41 -5.20 9.60
CA SER A 107 21.10 -5.89 10.72
C SER A 107 22.61 -5.52 10.75
N ILE A 108 23.25 -5.44 9.59
CA ILE A 108 24.63 -5.02 9.50
C ILE A 108 24.82 -3.60 10.08
N VAL A 109 23.93 -2.69 9.66
CA VAL A 109 23.98 -1.33 10.09
C VAL A 109 23.75 -1.25 11.59
N ALA A 110 22.81 -2.01 12.11
CA ALA A 110 22.55 -2.04 13.54
C ALA A 110 23.76 -2.59 14.35
N SER A 111 24.46 -3.58 13.80
CA SER A 111 25.64 -4.11 14.43
C SER A 111 26.77 -3.08 14.38
N ILE A 112 26.91 -2.40 13.24
CA ILE A 112 27.91 -1.39 13.09
C ILE A 112 27.71 -0.39 14.19
N LEU A 113 26.45 -0.07 14.48
CA LEU A 113 26.12 0.91 15.51
C LEU A 113 26.22 0.37 16.94
N GLY A 114 26.64 -0.87 17.10
CA GLY A 114 26.98 -1.39 18.44
C GLY A 114 25.95 -2.26 19.12
N ALA A 115 24.88 -2.60 18.41
CA ALA A 115 23.81 -3.44 18.99
C ALA A 115 24.18 -4.92 19.00
N GLN A 116 23.52 -5.66 19.88
CA GLN A 116 23.54 -7.10 19.79
C GLN A 116 22.39 -7.51 18.91
N VAL A 117 22.68 -8.01 17.73
CA VAL A 117 21.65 -8.18 16.71
C VAL A 117 21.35 -9.64 16.42
N THR A 118 20.07 -9.96 16.43
CA THR A 118 19.54 -11.23 15.90
C THR A 118 18.77 -10.99 14.60
N ALA A 119 19.28 -11.52 13.49
CA ALA A 119 18.64 -11.38 12.19
C ALA A 119 17.85 -12.65 11.88
N THR A 120 16.58 -12.49 11.48
CA THR A 120 15.69 -13.64 11.26
C THR A 120 14.99 -13.56 9.91
N ASP A 121 14.70 -14.75 9.37
CA ASP A 121 13.96 -14.86 8.15
C ASP A 121 13.53 -16.31 7.94
N LEU A 122 13.11 -16.62 6.72
CA LEU A 122 12.76 -17.98 6.29
C LEU A 122 14.00 -18.80 6.10
N PRO A 123 13.88 -20.14 6.30
CA PRO A 123 15.05 -20.96 6.31
C PRO A 123 15.94 -20.80 5.05
N ASP A 124 15.33 -20.62 3.87
CA ASP A 124 16.11 -20.57 2.59
C ASP A 124 16.91 -19.29 2.41
N VAL A 125 16.53 -18.27 3.15
CA VAL A 125 17.15 -16.91 3.11
C VAL A 125 18.37 -16.81 4.03
N LEU A 126 18.40 -17.68 5.05
CA LEU A 126 19.39 -17.56 6.12
C LEU A 126 20.87 -17.68 5.68
N GLY A 127 21.15 -18.55 4.72
CA GLY A 127 22.50 -18.79 4.25
C GLY A 127 23.12 -17.47 3.79
N ASN A 128 22.48 -16.81 2.84
CA ASN A 128 23.00 -15.57 2.25
C ASN A 128 22.98 -14.42 3.26
N LEU A 129 21.94 -14.40 4.11
CA LEU A 129 21.85 -13.45 5.23
C LEU A 129 23.06 -13.57 6.14
N GLN A 130 23.34 -14.79 6.61
CA GLN A 130 24.55 -14.99 7.45
C GLN A 130 25.82 -14.63 6.70
N TYR A 131 25.92 -15.04 5.45
CA TYR A 131 27.11 -14.72 4.66
C TYR A 131 27.36 -13.19 4.65
N ASN A 132 26.33 -12.43 4.28
CA ASN A 132 26.46 -10.96 4.22
C ASN A 132 26.77 -10.35 5.58
N LEU A 133 26.08 -10.84 6.58
CA LEU A 133 26.19 -10.31 7.93
C LEU A 133 27.60 -10.58 8.47
N LEU A 134 28.08 -11.80 8.26
CA LEU A 134 29.43 -12.11 8.71
C LEU A 134 30.49 -11.38 7.92
N LYS A 135 30.37 -11.36 6.59
CA LYS A 135 31.35 -10.65 5.71
C LYS A 135 31.52 -9.22 6.22
N ASN A 136 30.41 -8.60 6.62
CA ASN A 136 30.45 -7.21 7.04
C ASN A 136 30.67 -6.91 8.53
N THR A 137 30.65 -7.91 9.42
CA THR A 137 30.75 -7.64 10.89
C THR A 137 31.81 -8.42 11.68
N LEU A 138 32.25 -9.55 11.11
CA LEU A 138 33.28 -10.37 11.74
C LEU A 138 34.46 -9.50 12.19
N GLN A 139 34.80 -9.56 13.49
CA GLN A 139 35.97 -8.86 14.07
C GLN A 139 35.98 -7.34 13.81
N CYS A 140 34.81 -6.71 13.65
CA CYS A 140 34.77 -5.25 13.45
C CYS A 140 33.55 -4.56 13.94
N THR A 141 32.70 -5.22 14.71
CA THR A 141 31.68 -4.48 15.46
C THR A 141 31.77 -4.92 16.89
N ALA A 142 30.99 -4.30 17.75
CA ALA A 142 31.04 -4.57 19.16
C ALA A 142 30.62 -6.00 19.46
N HIS A 143 29.54 -6.45 18.82
CA HIS A 143 28.99 -7.79 19.04
C HIS A 143 28.78 -8.51 17.72
N LEU A 144 29.25 -9.74 17.64
CA LEU A 144 28.91 -10.62 16.54
C LEU A 144 27.37 -10.83 16.48
N PRO A 145 26.76 -10.48 15.34
CA PRO A 145 25.35 -10.76 15.14
C PRO A 145 25.05 -12.26 14.96
N GLU A 146 23.82 -12.63 15.30
CA GLU A 146 23.30 -14.00 15.18
C GLU A 146 22.26 -14.06 14.09
N VAL A 147 22.16 -15.21 13.45
CA VAL A 147 21.13 -15.48 12.47
C VAL A 147 20.28 -16.64 12.97
N LYS A 148 18.96 -16.44 13.01
CA LYS A 148 18.00 -17.49 13.41
C LYS A 148 16.79 -17.55 12.53
N GLU A 149 16.27 -18.77 12.34
CA GLU A 149 15.00 -18.94 11.64
C GLU A 149 13.86 -18.32 12.46
N LEU A 150 13.01 -17.55 11.81
CA LEU A 150 11.74 -17.07 12.41
C LEU A 150 10.72 -16.90 11.27
N VAL A 151 9.88 -17.94 11.11
CA VAL A 151 8.78 -17.92 10.15
C VAL A 151 7.65 -17.27 10.92
N TRP A 152 7.04 -16.24 10.33
CA TRP A 152 6.13 -15.38 11.08
C TRP A 152 5.01 -16.20 11.69
N GLY A 153 4.78 -15.97 12.99
CA GLY A 153 3.69 -16.61 13.69
C GLY A 153 3.83 -18.10 13.95
N GLU A 154 4.99 -18.69 13.60
CA GLU A 154 5.22 -20.12 13.81
C GLU A 154 6.07 -20.41 15.06
N ASP A 155 5.48 -21.15 16.01
CA ASP A 155 6.18 -21.63 17.19
C ASP A 155 6.93 -20.51 17.94
N LEU A 156 6.32 -19.33 18.08
CA LEU A 156 7.04 -18.24 18.69
C LEU A 156 7.39 -18.53 20.15
N ASP A 157 6.44 -19.15 20.86
CA ASP A 157 6.64 -19.52 22.25
C ASP A 157 7.73 -20.54 22.39
N LYS A 158 7.80 -21.47 21.44
CA LYS A 158 8.82 -22.54 21.48
C LYS A 158 10.22 -22.05 21.03
N ASN A 159 10.28 -21.22 19.98
CA ASN A 159 11.60 -20.77 19.41
C ASN A 159 12.19 -19.50 20.03
N PHE A 160 11.32 -18.57 20.43
CA PHE A 160 11.74 -17.31 21.04
C PHE A 160 11.03 -17.05 22.39
N PRO A 161 11.18 -17.95 23.37
CA PRO A 161 10.46 -17.72 24.63
C PRO A 161 10.83 -16.36 25.26
N LYS A 162 9.82 -15.75 25.89
CA LYS A 162 9.99 -14.45 26.57
C LYS A 162 10.78 -14.62 27.86
N SER A 163 10.67 -15.82 28.47
CA SER A 163 11.47 -16.20 29.60
C SER A 163 12.98 -16.01 29.34
N ALA A 164 13.38 -15.85 28.07
CA ALA A 164 14.82 -15.70 27.73
C ALA A 164 15.22 -14.77 26.55
N PHE A 165 14.24 -14.10 25.92
CA PHE A 165 14.51 -13.28 24.74
C PHE A 165 13.70 -12.01 24.88
N TYR A 166 14.41 -10.93 25.23
CA TYR A 166 13.88 -9.57 25.31
C TYR A 166 14.69 -8.70 24.38
N TYR A 167 14.00 -7.94 23.55
CA TYR A 167 14.60 -7.05 22.60
C TYR A 167 14.26 -5.63 23.01
N ASP A 168 15.29 -4.79 23.05
CA ASP A 168 15.11 -3.35 23.23
C ASP A 168 14.52 -2.76 21.97
N TYR A 169 14.90 -3.29 20.80
CA TYR A 169 14.31 -2.89 19.52
C TYR A 169 13.98 -4.08 18.66
N VAL A 170 12.84 -3.99 17.97
CA VAL A 170 12.51 -4.89 16.88
C VAL A 170 12.56 -4.04 15.60
N LEU A 171 13.31 -4.51 14.60
CA LEU A 171 13.39 -3.82 13.31
C LEU A 171 12.71 -4.62 12.19
N ALA A 172 12.06 -3.89 11.26
CA ALA A 172 11.38 -4.51 10.15
C ALA A 172 11.41 -3.53 8.98
N SER A 173 11.83 -4.03 7.80
CA SER A 173 11.75 -3.19 6.59
C SER A 173 11.17 -3.98 5.41
N ASP A 174 10.13 -3.38 4.80
CA ASP A 174 9.53 -3.85 3.54
C ASP A 174 9.01 -5.28 3.67
N VAL A 175 8.54 -5.57 4.88
CA VAL A 175 7.93 -6.84 5.17
C VAL A 175 6.44 -6.92 4.86
N VAL A 176 5.82 -5.76 4.61
CA VAL A 176 4.44 -5.68 4.23
C VAL A 176 4.35 -5.55 2.71
N TYR A 177 3.69 -6.52 2.09
CA TYR A 177 3.44 -6.51 0.72
C TYR A 177 2.31 -7.47 0.46
N HIS A 178 2.02 -7.78 -0.79
CA HIS A 178 0.79 -8.55 -1.07
C HIS A 178 1.05 -10.08 -0.97
N HIS A 179 1.15 -10.51 0.27
CA HIS A 179 1.46 -11.90 0.57
C HIS A 179 0.44 -12.44 1.56
N TYR A 180 0.56 -13.74 1.80
CA TYR A 180 -0.44 -14.43 2.58
C TYR A 180 -0.12 -14.62 4.08
N PHE A 181 0.76 -13.78 4.59
CA PHE A 181 1.23 -13.88 5.96
C PHE A 181 1.11 -12.59 6.73
N LEU A 182 0.20 -11.73 6.31
CA LEU A 182 0.05 -10.43 6.95
C LEU A 182 -0.44 -10.53 8.40
N ASP A 183 -1.38 -11.38 8.65
CA ASP A 183 -1.84 -11.54 10.04
C ASP A 183 -0.72 -12.14 10.92
N LYS A 184 -0.05 -13.12 10.40
CA LYS A 184 1.08 -13.73 11.10
C LYS A 184 2.19 -12.75 11.35
N LEU A 185 2.43 -11.87 10.36
CA LEU A 185 3.37 -10.78 10.55
C LEU A 185 3.01 -9.88 11.73
N LEU A 186 1.79 -9.42 11.78
CA LEU A 186 1.39 -8.54 12.86
C LEU A 186 1.46 -9.26 14.21
N THR A 187 1.00 -10.49 14.24
CA THR A 187 1.10 -11.34 15.43
C THR A 187 2.52 -11.43 15.97
N THR A 188 3.48 -11.53 15.05
CA THR A 188 4.89 -11.64 15.38
C THR A 188 5.40 -10.33 15.93
N MET A 189 5.03 -9.23 15.28
CA MET A 189 5.39 -7.90 15.75
C MET A 189 4.89 -7.68 17.21
N VAL A 190 3.65 -8.06 17.47
CA VAL A 190 3.04 -7.99 18.83
C VAL A 190 3.78 -8.87 19.83
N TYR A 191 4.11 -10.10 19.40
CA TYR A 191 4.79 -11.04 20.26
C TYR A 191 6.11 -10.52 20.77
N LEU A 192 6.90 -9.94 19.84
CA LEU A 192 8.25 -9.47 20.14
C LEU A 192 8.24 -8.13 20.86
N SER A 193 7.06 -7.50 20.94
CA SER A 193 6.93 -6.20 21.61
C SER A 193 6.53 -6.36 23.06
N GLN A 194 7.50 -6.67 23.89
CA GLN A 194 7.26 -6.70 25.34
C GLN A 194 7.13 -5.24 25.85
N PRO A 195 6.63 -5.03 27.07
CA PRO A 195 6.75 -3.62 27.57
C PRO A 195 8.24 -3.09 27.53
N GLY A 196 8.45 -1.86 27.02
CA GLY A 196 9.82 -1.27 26.87
C GLY A 196 10.43 -1.42 25.46
N THR A 197 9.89 -2.35 24.69
CA THR A 197 10.43 -2.67 23.39
C THR A 197 9.92 -1.62 22.47
N VAL A 198 10.79 -1.14 21.58
CA VAL A 198 10.41 -0.25 20.51
C VAL A 198 10.51 -0.92 19.14
N LEU A 199 9.42 -0.86 18.40
CA LEU A 199 9.38 -1.37 17.05
C LEU A 199 9.59 -0.21 16.04
N LEU A 200 10.56 -0.43 15.13
CA LEU A 200 10.82 0.48 14.02
C LEU A 200 10.53 -0.29 12.73
N TRP A 201 9.55 0.19 11.96
CA TRP A 201 9.00 -0.47 10.77
C TRP A 201 8.99 0.54 9.60
N ALA A 202 9.84 0.27 8.60
CA ALA A 202 9.86 1.03 7.33
C ALA A 202 9.28 0.22 6.20
N ASN A 203 8.57 0.88 5.28
CA ASN A 203 7.90 0.13 4.20
C ASN A 203 7.60 1.07 3.04
N LYS A 204 7.80 0.55 1.83
CA LYS A 204 7.17 1.13 0.64
C LYS A 204 5.69 0.71 0.59
N PHE A 205 4.84 1.67 0.28
CA PHE A 205 3.41 1.45 0.11
C PHE A 205 3.02 1.32 -1.35
N ARG A 206 2.65 0.11 -1.67
CA ARG A 206 2.38 -0.34 -3.05
C ARG A 206 0.95 -0.76 -3.34
N PHE A 207 0.28 -1.27 -2.31
CA PHE A 207 -0.94 -2.00 -2.48
C PHE A 207 -2.00 -1.50 -1.52
N SER A 208 -3.24 -1.66 -1.92
CA SER A 208 -4.41 -1.37 -1.02
C SER A 208 -4.26 -2.16 0.33
N THR A 209 -3.80 -3.40 0.22
CA THR A 209 -3.61 -4.22 1.40
C THR A 209 -2.56 -3.68 2.35
N ASP A 210 -1.53 -2.99 1.83
CA ASP A 210 -0.51 -2.36 2.67
C ASP A 210 -1.18 -1.33 3.62
N TYR A 211 -2.08 -0.54 3.06
CA TYR A 211 -2.85 0.45 3.87
C TYR A 211 -3.73 -0.25 4.87
N GLU A 212 -4.32 -1.37 4.48
CA GLU A 212 -5.15 -2.11 5.49
C GLU A 212 -4.30 -2.62 6.62
N PHE A 213 -3.08 -3.07 6.30
CA PHE A 213 -2.14 -3.54 7.32
C PHE A 213 -1.82 -2.38 8.26
N LEU A 214 -1.58 -1.20 7.71
CA LEU A 214 -1.23 -0.04 8.52
C LEU A 214 -2.39 0.24 9.50
N ASP A 215 -3.61 0.23 9.00
CA ASP A 215 -4.75 0.46 9.88
C ASP A 215 -4.78 -0.60 11.02
N LYS A 216 -4.53 -1.85 10.69
CA LYS A 216 -4.53 -2.89 11.75
C LYS A 216 -3.35 -2.72 12.73
N PHE A 217 -2.20 -2.26 12.23
CA PHE A 217 -1.00 -1.99 13.06
C PHE A 217 -1.35 -0.91 14.13
N LYS A 218 -2.02 0.15 13.68
CA LYS A 218 -2.40 1.27 14.53
C LYS A 218 -3.43 0.89 15.56
N GLN A 219 -4.23 -0.14 15.27
CA GLN A 219 -5.16 -0.64 16.29
C GLN A 219 -4.41 -1.24 17.48
N VAL A 220 -3.25 -1.84 17.24
CA VAL A 220 -2.54 -2.52 18.31
C VAL A 220 -1.26 -1.86 18.82
N PHE A 221 -0.71 -0.92 18.06
CA PHE A 221 0.46 -0.17 18.47
C PHE A 221 0.16 1.32 18.55
N ASP A 222 0.64 1.96 19.60
CA ASP A 222 0.72 3.40 19.62
C ASP A 222 1.79 3.81 18.60
N THR A 223 1.33 4.41 17.49
CA THR A 223 2.15 4.58 16.29
C THR A 223 2.58 6.03 16.07
N THR A 224 3.84 6.22 15.71
CA THR A 224 4.36 7.54 15.34
C THR A 224 5.01 7.48 13.99
N LEU A 225 4.65 8.40 13.12
CA LEU A 225 5.30 8.49 11.80
C LEU A 225 6.60 9.24 12.04
N LEU A 226 7.71 8.53 11.86
CA LEU A 226 9.03 9.09 12.08
C LEU A 226 9.50 9.81 10.85
N ALA A 227 9.17 9.27 9.67
CA ALA A 227 9.59 9.89 8.40
C ALA A 227 8.74 9.38 7.29
N GLU A 228 8.57 10.24 6.29
CA GLU A 228 7.78 9.90 5.10
C GLU A 228 8.47 10.47 3.87
N TYR A 229 8.54 9.63 2.82
CA TYR A 229 9.16 9.96 1.55
C TYR A 229 8.15 9.66 0.40
N PRO A 230 7.29 10.62 0.08
CA PRO A 230 6.24 10.41 -0.92
C PRO A 230 6.79 10.03 -2.27
N GLU A 231 7.98 10.49 -2.60
CA GLU A 231 8.54 10.21 -3.93
C GLU A 231 8.78 8.75 -4.11
N SER A 232 9.18 8.05 -3.04
CA SER A 232 9.47 6.65 -3.10
C SER A 232 8.41 5.83 -2.41
N SER A 233 7.36 6.52 -1.95
CA SER A 233 6.21 5.93 -1.30
C SER A 233 6.60 5.18 -0.05
N VAL A 234 7.63 5.66 0.64
CA VAL A 234 8.12 5.01 1.85
C VAL A 234 7.70 5.77 3.09
N LYS A 235 7.22 5.02 4.10
CA LYS A 235 6.96 5.58 5.45
C LYS A 235 7.77 4.80 6.46
N LEU A 236 8.15 5.47 7.53
CA LEU A 236 8.85 4.85 8.65
C LEU A 236 8.07 5.18 9.92
N PHE A 237 7.68 4.11 10.62
CA PHE A 237 6.91 4.21 11.86
C PHE A 237 7.70 3.68 13.08
N LYS A 238 7.45 4.32 14.23
CA LYS A 238 7.68 3.73 15.55
C LYS A 238 6.37 3.13 16.07
N GLY A 239 6.44 1.93 16.62
CA GLY A 239 5.28 1.34 17.31
C GLY A 239 5.63 0.91 18.73
N ILE A 240 4.78 1.25 19.68
CA ILE A 240 4.88 0.79 21.07
C ILE A 240 3.58 0.08 21.39
N LEU A 241 3.64 -1.15 21.85
CA LEU A 241 2.41 -1.92 22.10
C LEU A 241 1.44 -1.19 23.00
N LYS A 242 0.16 -1.18 22.63
CA LYS A 242 -0.88 -0.54 23.44
C LYS A 242 -1.28 -1.43 24.55
N TRP A 243 -1.45 -0.83 25.69
CA TRP A 243 -2.14 -1.46 26.82
C TRP A 243 -3.41 -0.63 27.11
N ASP A 244 -3.41 0.61 26.62
N ASP A 244 -3.44 0.61 26.64
CA ASP A 244 -4.51 1.55 26.71
CA ASP A 244 -4.57 1.53 26.93
C ASP A 244 -4.25 2.70 25.71
C ASP A 244 -4.80 1.68 28.43
N SER B 25 -4.30 -20.28 -26.68
N SER B 25 -5.88 -17.97 -25.70
CA SER B 25 -4.89 -19.99 -25.34
CA SER B 25 -5.34 -19.36 -25.59
C SER B 25 -6.11 -20.91 -25.10
C SER B 25 -6.49 -20.39 -25.42
N ASN B 26 -7.01 -20.50 -24.22
CA ASN B 26 -8.19 -21.31 -23.96
C ASN B 26 -9.40 -20.57 -24.46
N LYS B 27 -10.41 -21.33 -24.85
CA LYS B 27 -11.62 -20.76 -25.41
C LYS B 27 -12.47 -20.29 -24.22
N ILE B 28 -12.19 -19.09 -23.76
CA ILE B 28 -12.87 -18.52 -22.61
C ILE B 28 -13.45 -17.16 -22.95
N GLU B 29 -14.36 -16.70 -22.08
CA GLU B 29 -14.88 -15.34 -22.19
C GLU B 29 -13.68 -14.39 -22.41
N PRO B 30 -13.64 -13.70 -23.59
CA PRO B 30 -12.43 -13.00 -23.93
C PRO B 30 -11.98 -11.95 -22.91
N SER B 31 -12.93 -11.29 -22.23
CA SER B 31 -12.61 -10.35 -21.16
C SER B 31 -11.77 -11.01 -20.06
N LEU B 32 -11.92 -12.34 -19.85
CA LEU B 32 -11.19 -12.98 -18.75
C LEU B 32 -9.70 -12.93 -18.98
N HIS B 33 -9.26 -12.80 -20.23
CA HIS B 33 -7.82 -12.70 -20.51
C HIS B 33 -7.16 -11.48 -19.89
N SER B 34 -7.88 -10.38 -19.85
CA SER B 34 -7.29 -9.16 -19.25
C SER B 34 -7.24 -9.33 -17.69
N LEU B 35 -8.18 -10.10 -17.17
CA LEU B 35 -8.23 -10.36 -15.78
C LEU B 35 -7.02 -11.20 -15.33
N GLN B 36 -6.60 -12.08 -16.20
CA GLN B 36 -5.52 -12.98 -15.87
CA GLN B 36 -5.43 -12.96 -15.94
C GLN B 36 -4.19 -12.21 -15.74
N LYS B 37 -4.10 -11.04 -16.38
CA LYS B 37 -2.92 -10.14 -16.34
C LYS B 37 -2.85 -9.20 -15.10
N PHE B 38 -3.77 -9.32 -14.15
CA PHE B 38 -3.71 -8.52 -12.91
C PHE B 38 -3.31 -9.43 -11.72
N VAL B 39 -2.76 -8.83 -10.65
CA VAL B 39 -2.48 -9.55 -9.39
C VAL B 39 -3.72 -10.35 -9.02
N PRO B 40 -3.54 -11.63 -8.62
CA PRO B 40 -4.75 -12.39 -8.27
C PRO B 40 -5.43 -11.91 -7.01
N THR B 41 -6.71 -12.25 -6.91
CA THR B 41 -7.57 -11.88 -5.81
C THR B 41 -7.66 -13.01 -4.76
N ASP B 42 -7.51 -12.62 -3.49
CA ASP B 42 -7.53 -13.57 -2.37
C ASP B 42 -8.96 -13.87 -2.03
N TYR B 43 -9.64 -14.60 -2.94
CA TYR B 43 -11.10 -14.59 -2.94
C TYR B 43 -11.77 -15.32 -1.83
N ALA B 44 -11.07 -16.17 -1.06
CA ALA B 44 -11.66 -16.83 0.05
C ALA B 44 -12.32 -15.82 0.98
N SER B 45 -11.72 -14.66 1.10
CA SER B 45 -12.19 -13.59 2.04
CA SER B 45 -12.19 -13.60 2.03
C SER B 45 -13.30 -12.71 1.47
N TYR B 46 -13.61 -12.85 0.18
CA TYR B 46 -14.53 -11.94 -0.48
C TYR B 46 -15.95 -12.55 -0.47
N THR B 47 -16.96 -11.68 -0.33
CA THR B 47 -18.33 -12.10 -0.31
C THR B 47 -19.12 -11.22 -1.28
N GLN B 48 -20.27 -11.72 -1.70
CA GLN B 48 -21.11 -10.99 -2.66
C GLN B 48 -22.00 -10.04 -1.93
N GLU B 49 -21.86 -8.76 -2.24
CA GLU B 49 -22.68 -7.73 -1.64
C GLU B 49 -23.58 -7.13 -2.73
N HIS B 50 -24.80 -6.76 -2.34
CA HIS B 50 -25.81 -6.35 -3.28
C HIS B 50 -26.13 -4.89 -3.13
N TYR B 51 -26.21 -4.22 -4.28
CA TYR B 51 -26.59 -2.82 -4.36
C TYR B 51 -27.66 -2.63 -5.44
N ARG B 52 -28.34 -1.52 -5.42
CA ARG B 52 -29.26 -1.17 -6.50
C ARG B 52 -29.11 0.32 -6.89
N PHE B 53 -28.65 0.56 -8.12
CA PHE B 53 -28.46 1.92 -8.66
C PHE B 53 -28.84 1.94 -10.12
N ALA B 54 -29.35 3.09 -10.56
CA ALA B 54 -29.64 3.32 -11.97
C ALA B 54 -30.48 2.18 -12.54
N GLY B 55 -31.45 1.76 -11.74
CA GLY B 55 -32.42 0.79 -12.16
C GLY B 55 -31.93 -0.66 -12.25
N LYS B 56 -30.76 -0.96 -11.73
CA LYS B 56 -30.17 -2.30 -11.89
C LYS B 56 -29.74 -2.88 -10.56
N GLU B 57 -29.95 -4.17 -10.38
CA GLU B 57 -29.36 -4.88 -9.24
C GLU B 57 -27.90 -5.12 -9.57
N ILE B 58 -27.04 -4.77 -8.62
CA ILE B 58 -25.58 -4.82 -8.81
C ILE B 58 -24.97 -5.72 -7.74
N VAL B 59 -24.02 -6.58 -8.13
CA VAL B 59 -23.37 -7.47 -7.18
C VAL B 59 -21.87 -7.18 -7.18
N ILE B 60 -21.33 -6.94 -6.00
CA ILE B 60 -19.92 -6.52 -5.82
C ILE B 60 -19.25 -7.52 -4.90
N GLN B 61 -18.13 -8.09 -5.35
CA GLN B 61 -17.27 -8.85 -4.48
C GLN B 61 -16.42 -7.92 -3.60
N GLU B 62 -16.55 -8.07 -2.28
CA GLU B 62 -15.86 -7.24 -1.27
C GLU B 62 -15.29 -8.11 -0.20
N SER B 63 -14.17 -7.67 0.41
CA SER B 63 -13.57 -8.37 1.50
C SER B 63 -13.79 -7.56 2.80
N ILE B 64 -14.93 -7.77 3.44
CA ILE B 64 -15.32 -6.88 4.56
C ILE B 64 -14.53 -7.20 5.85
N GLU B 65 -14.28 -8.46 6.10
CA GLU B 65 -13.74 -8.83 7.40
C GLU B 65 -12.21 -9.05 7.42
N SER B 66 -11.57 -9.00 6.25
CA SER B 66 -10.15 -9.32 6.16
C SER B 66 -9.55 -8.46 5.04
N TYR B 67 -8.33 -8.82 4.66
CA TYR B 67 -7.63 -8.08 3.62
C TYR B 67 -8.37 -8.20 2.30
N GLY B 68 -8.53 -7.08 1.62
CA GLY B 68 -9.16 -6.98 0.32
C GLY B 68 -10.10 -5.78 0.20
N ALA B 69 -10.46 -5.42 -1.02
CA ALA B 69 -11.20 -4.19 -1.27
C ALA B 69 -12.65 -4.20 -0.82
N VAL B 70 -13.11 -3.02 -0.43
CA VAL B 70 -14.53 -2.84 0.00
C VAL B 70 -15.08 -1.55 -0.56
N VAL B 71 -16.41 -1.48 -0.55
CA VAL B 71 -17.15 -0.29 -0.96
C VAL B 71 -17.19 0.68 0.25
N TRP B 72 -16.83 1.91 0.02
CA TRP B 72 -16.80 2.97 1.03
C TRP B 72 -18.07 3.85 0.90
N PRO B 73 -18.39 4.59 1.96
CA PRO B 73 -19.61 5.44 1.94
C PRO B 73 -19.58 6.48 0.82
N GLY B 74 -18.41 7.00 0.49
CA GLY B 74 -18.36 7.99 -0.56
C GLY B 74 -18.92 7.45 -1.87
N ALA B 75 -18.62 6.19 -2.16
CA ALA B 75 -19.22 5.53 -3.35
C ALA B 75 -20.74 5.51 -3.37
N MET B 76 -21.35 5.21 -2.22
CA MET B 76 -22.80 5.11 -2.13
C MET B 76 -23.41 6.46 -2.48
N ALA B 77 -22.83 7.52 -1.92
CA ALA B 77 -23.28 8.87 -2.15
C ALA B 77 -23.12 9.27 -3.61
N LEU B 78 -21.92 9.08 -4.18
CA LEU B 78 -21.71 9.47 -5.57
C LEU B 78 -22.67 8.69 -6.51
N CYS B 79 -22.87 7.39 -6.26
CA CYS B 79 -23.79 6.61 -7.07
C CYS B 79 -25.23 7.15 -7.02
N GLN B 80 -25.67 7.56 -5.83
CA GLN B 80 -26.97 8.16 -5.72
C GLN B 80 -27.04 9.44 -6.57
N TYR B 81 -26.03 10.27 -6.48
CA TYR B 81 -26.01 11.52 -7.26
C TYR B 81 -26.04 11.23 -8.77
N LEU B 82 -25.25 10.27 -9.19
CA LEU B 82 -25.20 9.96 -10.63
C LEU B 82 -26.54 9.45 -11.18
N GLU B 83 -27.21 8.56 -10.43
CA GLU B 83 -28.47 8.02 -10.90
C GLU B 83 -29.53 9.10 -10.96
N GLU B 84 -29.45 10.07 -10.04
CA GLU B 84 -30.45 11.13 -9.94
C GLU B 84 -30.22 12.28 -10.89
N HIS B 85 -28.99 12.46 -11.36
CA HIS B 85 -28.66 13.59 -12.24
C HIS B 85 -28.25 13.11 -13.60
N ALA B 86 -28.69 11.90 -13.95
CA ALA B 86 -28.24 11.23 -15.18
C ALA B 86 -28.48 12.09 -16.44
N GLU B 87 -29.68 12.63 -16.58
CA GLU B 87 -30.06 13.41 -17.77
C GLU B 87 -29.15 14.63 -17.93
N GLU B 88 -28.99 15.38 -16.81
CA GLU B 88 -28.13 16.58 -16.79
C GLU B 88 -26.67 16.32 -17.12
N LEU B 89 -26.16 15.23 -16.56
CA LEU B 89 -24.73 14.90 -16.67
C LEU B 89 -24.37 14.39 -18.05
N ASN B 90 -25.37 13.88 -18.76
CA ASN B 90 -25.17 13.39 -20.10
C ASN B 90 -23.95 12.46 -20.19
N PHE B 91 -24.00 11.42 -19.39
CA PHE B 91 -23.01 10.38 -19.40
C PHE B 91 -23.00 9.51 -20.66
N GLN B 92 -24.07 9.52 -21.46
CA GLN B 92 -24.07 8.67 -22.64
C GLN B 92 -22.85 9.04 -23.52
N ASP B 93 -21.97 8.04 -23.73
CA ASP B 93 -20.72 8.12 -24.55
C ASP B 93 -19.64 9.04 -23.98
N ALA B 94 -19.87 9.57 -22.75
CA ALA B 94 -18.87 10.46 -22.08
C ALA B 94 -17.65 9.63 -21.74
N LYS B 95 -16.49 10.25 -21.84
CA LYS B 95 -15.26 9.59 -21.47
C LYS B 95 -14.95 9.90 -19.98
N ILE B 96 -14.95 8.83 -19.19
CA ILE B 96 -14.85 8.91 -17.75
C ILE B 96 -13.63 8.16 -17.23
N LEU B 97 -12.92 8.76 -16.30
CA LEU B 97 -11.90 8.02 -15.54
C LEU B 97 -12.20 8.11 -14.02
N GLU B 98 -12.11 6.96 -13.34
CA GLU B 98 -12.26 6.91 -11.89
C GLU B 98 -10.91 6.65 -11.27
N ILE B 99 -10.52 7.50 -10.32
CA ILE B 99 -9.28 7.29 -9.58
C ILE B 99 -9.64 6.60 -8.25
N GLY B 100 -8.79 5.68 -7.81
CA GLY B 100 -9.08 4.97 -6.55
C GLY B 100 -10.40 4.27 -6.58
N ALA B 101 -10.67 3.58 -7.70
CA ALA B 101 -11.99 2.94 -7.97
C ALA B 101 -12.38 1.83 -6.99
N GLY B 102 -11.39 1.22 -6.32
CA GLY B 102 -11.68 0.19 -5.33
C GLY B 102 -12.37 -0.99 -6.03
N PRO B 103 -13.42 -1.53 -5.40
CA PRO B 103 -14.13 -2.71 -5.97
C PRO B 103 -14.93 -2.37 -7.22
N GLY B 104 -15.19 -1.09 -7.47
CA GLY B 104 -15.73 -0.64 -8.74
C GLY B 104 -17.18 -0.21 -8.79
N LEU B 105 -17.82 0.00 -7.64
CA LEU B 105 -19.24 0.33 -7.72
C LEU B 105 -19.55 1.58 -8.56
N VAL B 106 -18.80 2.66 -8.35
CA VAL B 106 -19.04 3.89 -9.08
C VAL B 106 -18.83 3.68 -10.61
N SER B 107 -17.75 2.99 -10.98
CA SER B 107 -17.46 2.75 -12.42
C SER B 107 -18.55 1.91 -13.05
N ILE B 108 -19.09 0.96 -12.29
CA ILE B 108 -20.21 0.14 -12.74
C ILE B 108 -21.43 1.05 -13.04
N VAL B 109 -21.75 1.91 -12.09
CA VAL B 109 -22.92 2.77 -12.26
C VAL B 109 -22.71 3.71 -13.45
N ALA B 110 -21.51 4.26 -13.58
CA ALA B 110 -21.20 5.15 -14.73
C ALA B 110 -21.36 4.41 -16.04
N SER B 111 -20.94 3.15 -16.08
CA SER B 111 -21.06 2.33 -17.29
C SER B 111 -22.53 2.03 -17.63
N ILE B 112 -23.32 1.71 -16.60
CA ILE B 112 -24.77 1.52 -16.77
C ILE B 112 -25.41 2.77 -17.37
N LEU B 113 -24.95 3.94 -16.96
CA LEU B 113 -25.50 5.19 -17.43
C LEU B 113 -24.98 5.57 -18.82
N GLY B 114 -24.08 4.75 -19.39
CA GLY B 114 -23.69 4.88 -20.79
C GLY B 114 -22.31 5.45 -21.07
N ALA B 115 -21.52 5.67 -20.03
CA ALA B 115 -20.20 6.29 -20.20
C ALA B 115 -19.16 5.27 -20.71
N GLN B 116 -18.12 5.79 -21.37
CA GLN B 116 -16.87 5.02 -21.59
C GLN B 116 -16.02 5.14 -20.35
N VAL B 117 -15.89 4.05 -19.61
CA VAL B 117 -15.34 4.13 -18.26
C VAL B 117 -13.98 3.48 -18.23
N THR B 118 -13.01 4.23 -17.71
CA THR B 118 -11.70 3.70 -17.30
C THR B 118 -11.63 3.74 -15.75
N ALA B 119 -11.52 2.57 -15.16
CA ALA B 119 -11.43 2.43 -13.73
C ALA B 119 -9.99 2.14 -13.32
N THR B 120 -9.49 2.89 -12.36
CA THR B 120 -8.04 2.78 -11.98
C THR B 120 -7.83 2.69 -10.49
N ASP B 121 -6.74 2.05 -10.11
CA ASP B 121 -6.33 1.84 -8.74
C ASP B 121 -4.92 1.26 -8.68
N LEU B 122 -4.54 0.83 -7.50
CA LEU B 122 -3.26 0.17 -7.19
C LEU B 122 -3.33 -1.29 -7.68
N PRO B 123 -2.20 -1.95 -7.87
CA PRO B 123 -2.24 -3.22 -8.63
C PRO B 123 -3.04 -4.37 -7.99
N ASP B 124 -3.10 -4.41 -6.67
CA ASP B 124 -3.80 -5.50 -5.97
C ASP B 124 -5.32 -5.37 -6.00
N VAL B 125 -5.81 -4.24 -6.50
CA VAL B 125 -7.27 -3.92 -6.58
C VAL B 125 -7.83 -4.27 -7.95
N LEU B 126 -6.98 -4.24 -8.98
CA LEU B 126 -7.41 -4.26 -10.38
C LEU B 126 -8.13 -5.54 -10.85
N GLY B 127 -7.70 -6.67 -10.35
CA GLY B 127 -8.34 -7.96 -10.65
C GLY B 127 -9.79 -8.02 -10.25
N ASN B 128 -10.04 -7.73 -8.97
CA ASN B 128 -11.41 -7.79 -8.46
C ASN B 128 -12.27 -6.64 -9.03
N LEU B 129 -11.66 -5.47 -9.22
CA LEU B 129 -12.28 -4.37 -9.92
C LEU B 129 -12.79 -4.81 -11.32
N GLN B 130 -11.89 -5.40 -12.10
CA GLN B 130 -12.23 -5.89 -13.43
C GLN B 130 -13.30 -6.96 -13.38
N TYR B 131 -13.18 -7.88 -12.45
CA TYR B 131 -14.16 -8.94 -12.28
C TYR B 131 -15.56 -8.36 -11.98
N ASN B 132 -15.60 -7.47 -11.01
CA ASN B 132 -16.87 -6.82 -10.69
C ASN B 132 -17.48 -6.09 -11.91
N LEU B 133 -16.63 -5.39 -12.66
CA LEU B 133 -17.07 -4.69 -13.86
C LEU B 133 -17.62 -5.69 -14.86
N LEU B 134 -16.92 -6.78 -15.08
CA LEU B 134 -17.41 -7.78 -16.03
C LEU B 134 -18.75 -8.35 -15.60
N LYS B 135 -18.85 -8.72 -14.33
CA LYS B 135 -20.07 -9.38 -13.81
C LYS B 135 -21.29 -8.45 -13.89
N ASN B 136 -21.10 -7.15 -13.99
CA ASN B 136 -22.23 -6.23 -14.01
C ASN B 136 -22.47 -5.48 -15.33
N THR B 137 -21.56 -5.61 -16.31
CA THR B 137 -21.63 -4.82 -17.55
C THR B 137 -21.44 -5.60 -18.83
N LEU B 138 -20.91 -6.81 -18.79
CA LEU B 138 -20.62 -7.52 -20.04
C LEU B 138 -21.90 -7.78 -20.86
N GLN B 139 -21.89 -7.35 -22.12
CA GLN B 139 -23.05 -7.35 -22.99
C GLN B 139 -24.33 -6.66 -22.46
N CYS B 140 -24.23 -5.76 -21.45
CA CYS B 140 -25.44 -5.03 -20.99
C CYS B 140 -25.26 -3.52 -20.74
N THR B 141 -24.13 -2.96 -21.18
CA THR B 141 -23.95 -1.50 -21.19
C THR B 141 -23.42 -1.09 -22.55
N ALA B 142 -23.47 0.23 -22.80
CA ALA B 142 -23.12 0.79 -24.11
C ALA B 142 -21.63 0.60 -24.47
N HIS B 143 -20.77 0.62 -23.47
CA HIS B 143 -19.33 0.52 -23.70
C HIS B 143 -18.69 -0.41 -22.67
N LEU B 144 -17.83 -1.31 -23.12
CA LEU B 144 -17.09 -2.15 -22.19
C LEU B 144 -16.08 -1.26 -21.36
N PRO B 145 -16.14 -1.33 -20.05
CA PRO B 145 -15.17 -0.60 -19.26
C PRO B 145 -13.76 -1.09 -19.44
N GLU B 146 -12.80 -0.16 -19.22
CA GLU B 146 -11.37 -0.43 -19.18
C GLU B 146 -10.88 -0.36 -17.74
N VAL B 147 -9.94 -1.22 -17.40
CA VAL B 147 -9.28 -1.21 -16.10
C VAL B 147 -7.75 -0.98 -16.31
N LYS B 148 -7.19 -0.03 -15.56
CA LYS B 148 -5.79 0.34 -15.73
C LYS B 148 -5.19 0.70 -14.39
N GLU B 149 -3.93 0.31 -14.19
CA GLU B 149 -3.20 0.80 -13.00
C GLU B 149 -3.04 2.29 -13.11
N LEU B 150 -3.29 3.01 -12.04
CA LEU B 150 -2.89 4.41 -11.96
C LEU B 150 -2.51 4.68 -10.50
N VAL B 151 -1.21 4.73 -10.27
CA VAL B 151 -0.64 5.05 -8.95
C VAL B 151 -0.52 6.53 -8.91
N TRP B 152 -1.12 7.17 -7.92
CA TRP B 152 -1.20 8.64 -7.92
C TRP B 152 0.17 9.30 -8.03
N GLY B 153 0.26 10.26 -8.90
CA GLY B 153 1.48 11.01 -9.07
C GLY B 153 2.59 10.35 -9.88
N GLU B 154 2.33 9.15 -10.43
CA GLU B 154 3.37 8.36 -11.11
C GLU B 154 3.01 8.02 -12.51
N ASP B 155 3.93 8.26 -13.43
CA ASP B 155 3.77 7.76 -14.83
C ASP B 155 2.55 8.36 -15.54
N LEU B 156 2.19 9.61 -15.19
CA LEU B 156 0.98 10.23 -15.73
C LEU B 156 1.18 10.58 -17.20
N ASP B 157 2.29 11.23 -17.50
CA ASP B 157 2.62 11.59 -18.89
C ASP B 157 2.85 10.32 -19.71
N LYS B 158 3.41 9.29 -19.08
CA LYS B 158 3.73 8.07 -19.79
C LYS B 158 2.49 7.26 -20.13
N ASN B 159 1.61 7.07 -19.16
CA ASN B 159 0.44 6.22 -19.37
C ASN B 159 -0.86 6.91 -19.68
N PHE B 160 -1.02 8.16 -19.25
CA PHE B 160 -2.27 8.91 -19.48
C PHE B 160 -1.99 10.30 -20.06
N PRO B 161 -1.15 10.35 -21.10
CA PRO B 161 -0.76 11.62 -21.71
C PRO B 161 -1.97 12.46 -22.04
N LYS B 162 -1.96 13.72 -21.59
CA LYS B 162 -3.11 14.63 -21.76
C LYS B 162 -3.53 14.69 -23.22
N SER B 163 -2.56 14.68 -24.13
CA SER B 163 -2.82 14.81 -25.55
C SER B 163 -3.56 13.63 -26.18
N ALA B 164 -3.54 12.47 -25.55
CA ALA B 164 -4.27 11.29 -26.03
C ALA B 164 -5.45 10.89 -25.17
N PHE B 165 -5.53 11.41 -23.94
CA PHE B 165 -6.54 11.01 -22.95
C PHE B 165 -7.18 12.23 -22.31
N TYR B 166 -8.25 12.69 -22.95
CA TYR B 166 -9.15 13.71 -22.43
C TYR B 166 -10.34 13.01 -21.80
N TYR B 167 -10.66 13.39 -20.57
CA TYR B 167 -11.84 12.88 -19.91
C TYR B 167 -12.87 13.97 -19.67
N ASP B 168 -14.10 13.68 -20.08
CA ASP B 168 -15.23 14.53 -19.80
C ASP B 168 -15.50 14.65 -18.32
N TYR B 169 -15.32 13.53 -17.61
CA TYR B 169 -15.53 13.44 -16.16
C TYR B 169 -14.44 12.61 -15.53
N VAL B 170 -14.00 13.08 -14.36
CA VAL B 170 -13.10 12.33 -13.48
C VAL B 170 -13.93 12.12 -12.20
N LEU B 171 -13.99 10.88 -11.76
CA LEU B 171 -14.74 10.49 -10.57
C LEU B 171 -13.81 10.04 -9.49
N ALA B 172 -14.17 10.36 -8.25
CA ALA B 172 -13.40 9.94 -7.09
C ALA B 172 -14.31 9.88 -5.88
N SER B 173 -14.21 8.80 -5.13
CA SER B 173 -15.01 8.66 -3.90
C SER B 173 -14.19 8.09 -2.77
N ASP B 174 -14.15 8.83 -1.66
CA ASP B 174 -13.39 8.40 -0.47
C ASP B 174 -11.92 8.07 -0.79
N VAL B 175 -11.33 8.89 -1.66
CA VAL B 175 -9.94 8.81 -1.99
C VAL B 175 -9.10 9.66 -1.01
N VAL B 176 -9.74 10.49 -0.16
CA VAL B 176 -9.03 11.30 0.82
C VAL B 176 -9.14 10.60 2.18
N TYR B 177 -7.99 10.09 2.63
CA TYR B 177 -7.82 9.38 3.88
C TYR B 177 -6.40 9.73 4.38
N HIS B 178 -6.25 9.87 5.68
CA HIS B 178 -5.03 10.49 6.25
C HIS B 178 -3.74 9.77 5.91
N HIS B 179 -3.80 8.48 5.70
CA HIS B 179 -2.54 7.78 5.48
CA HIS B 179 -2.63 7.59 5.43
C HIS B 179 -2.12 7.68 3.99
N TYR B 180 -2.94 8.22 3.08
CA TYR B 180 -2.62 8.20 1.63
C TYR B 180 -1.64 9.36 1.31
N PHE B 181 -1.10 9.28 0.10
CA PHE B 181 -0.20 10.34 -0.40
C PHE B 181 -1.04 11.43 -1.05
N LEU B 182 -1.51 12.35 -0.22
CA LEU B 182 -2.61 13.27 -0.64
C LEU B 182 -2.11 14.37 -1.55
N ASP B 183 -0.84 14.75 -1.49
CA ASP B 183 -0.37 15.72 -2.50
CA ASP B 183 -0.35 15.72 -2.48
C ASP B 183 -0.24 15.02 -3.87
N LYS B 184 0.15 13.78 -3.88
CA LYS B 184 0.15 12.98 -5.10
C LYS B 184 -1.27 12.83 -5.65
N LEU B 185 -2.25 12.65 -4.73
CA LEU B 185 -3.66 12.62 -5.14
C LEU B 185 -4.07 13.94 -5.82
N LEU B 186 -3.76 15.06 -5.21
CA LEU B 186 -4.16 16.37 -5.75
C LEU B 186 -3.50 16.58 -7.10
N THR B 187 -2.22 16.21 -7.19
CA THR B 187 -1.44 16.38 -8.39
C THR B 187 -2.15 15.57 -9.52
N THR B 188 -2.66 14.39 -9.18
CA THR B 188 -3.34 13.49 -10.15
C THR B 188 -4.67 14.09 -10.60
N MET B 189 -5.44 14.58 -9.65
CA MET B 189 -6.68 15.27 -9.95
C MET B 189 -6.46 16.41 -10.92
N VAL B 190 -5.46 17.26 -10.63
CA VAL B 190 -5.13 18.35 -11.50
C VAL B 190 -4.72 17.85 -12.88
N TYR B 191 -3.84 16.84 -12.90
CA TYR B 191 -3.32 16.30 -14.18
C TYR B 191 -4.45 15.88 -15.11
N LEU B 192 -5.42 15.22 -14.54
CA LEU B 192 -6.57 14.65 -15.31
C LEU B 192 -7.70 15.67 -15.60
N SER B 193 -7.59 16.89 -15.09
CA SER B 193 -8.61 17.90 -15.34
C SER B 193 -8.17 18.87 -16.38
N GLN B 194 -8.53 18.58 -17.63
CA GLN B 194 -8.27 19.50 -18.70
C GLN B 194 -9.40 20.54 -18.82
N PRO B 195 -9.19 21.55 -19.68
CA PRO B 195 -10.27 22.48 -19.93
C PRO B 195 -11.51 21.73 -20.38
N GLY B 196 -12.61 21.92 -19.64
CA GLY B 196 -13.87 21.24 -19.92
C GLY B 196 -14.17 20.05 -19.02
N THR B 197 -13.13 19.45 -18.43
CA THR B 197 -13.28 18.28 -17.58
C THR B 197 -14.00 18.68 -16.28
N VAL B 198 -14.94 17.84 -15.86
CA VAL B 198 -15.64 18.00 -14.61
C VAL B 198 -15.19 16.91 -13.65
N LEU B 199 -14.66 17.33 -12.49
CA LEU B 199 -14.25 16.41 -11.47
C LEU B 199 -15.34 16.29 -10.38
N LEU B 200 -15.80 15.07 -10.13
CA LEU B 200 -16.79 14.81 -9.12
C LEU B 200 -16.13 13.98 -8.06
N TRP B 201 -16.05 14.58 -6.87
CA TRP B 201 -15.32 14.01 -5.76
C TRP B 201 -16.25 13.97 -4.49
N ALA B 202 -16.54 12.76 -3.98
CA ALA B 202 -17.32 12.57 -2.76
C ALA B 202 -16.36 12.06 -1.72
N ASN B 203 -16.54 12.52 -0.47
CA ASN B 203 -15.72 11.99 0.64
C ASN B 203 -16.51 12.14 1.94
N LYS B 204 -16.32 11.17 2.83
CA LYS B 204 -16.70 11.34 4.21
C LYS B 204 -15.58 12.19 4.88
N PHE B 205 -15.97 13.12 5.72
CA PHE B 205 -15.00 13.98 6.49
C PHE B 205 -14.74 13.38 7.87
N ARG B 206 -13.70 12.53 7.91
CA ARG B 206 -13.37 11.72 9.09
C ARG B 206 -12.33 12.36 10.04
N PHE B 207 -11.40 13.13 9.46
CA PHE B 207 -10.22 13.62 10.15
C PHE B 207 -9.90 15.04 9.70
N SER B 208 -9.12 15.71 10.52
CA SER B 208 -8.65 17.08 10.24
CA SER B 208 -8.68 17.07 10.22
C SER B 208 -7.96 17.15 8.86
N THR B 209 -7.20 16.11 8.50
CA THR B 209 -6.49 16.08 7.19
C THR B 209 -7.45 16.16 6.03
N ASP B 210 -8.70 15.69 6.24
CA ASP B 210 -9.70 15.73 5.20
C ASP B 210 -10.16 17.16 4.96
N TYR B 211 -10.43 17.88 6.03
CA TYR B 211 -10.74 19.29 5.97
C TYR B 211 -9.60 20.10 5.32
N GLU B 212 -8.37 19.75 5.67
CA GLU B 212 -7.19 20.47 5.15
C GLU B 212 -7.10 20.21 3.64
N PHE B 213 -7.36 18.98 3.19
CA PHE B 213 -7.35 18.65 1.76
C PHE B 213 -8.41 19.44 1.02
N LEU B 214 -9.57 19.58 1.61
CA LEU B 214 -10.62 20.35 0.94
C LEU B 214 -10.17 21.81 0.69
N ASP B 215 -9.51 22.41 1.67
CA ASP B 215 -8.98 23.75 1.50
C ASP B 215 -7.97 23.80 0.34
N LYS B 216 -7.09 22.80 0.25
CA LYS B 216 -6.09 22.71 -0.89
C LYS B 216 -6.80 22.57 -2.23
N PHE B 217 -7.82 21.70 -2.28
CA PHE B 217 -8.63 21.46 -3.48
C PHE B 217 -9.30 22.75 -3.93
N LYS B 218 -9.91 23.50 -2.98
CA LYS B 218 -10.59 24.75 -3.31
C LYS B 218 -9.63 25.83 -3.84
N GLN B 219 -8.36 25.74 -3.45
CA GLN B 219 -7.38 26.74 -3.88
C GLN B 219 -7.14 26.60 -5.40
N VAL B 220 -7.16 25.38 -5.90
CA VAL B 220 -6.79 25.13 -7.31
C VAL B 220 -8.00 24.85 -8.23
N PHE B 221 -9.07 24.27 -7.69
CA PHE B 221 -10.27 24.01 -8.45
C PHE B 221 -11.33 25.04 -8.09
N ASP B 222 -12.05 25.54 -9.11
CA ASP B 222 -13.34 26.20 -8.90
C ASP B 222 -14.30 25.14 -8.36
N THR B 223 -14.64 25.27 -7.08
CA THR B 223 -15.25 24.19 -6.35
C THR B 223 -16.68 24.55 -6.01
N THR B 224 -17.58 23.60 -6.23
CA THR B 224 -18.99 23.74 -5.89
C THR B 224 -19.42 22.52 -5.04
N LEU B 225 -20.12 22.78 -3.93
CA LEU B 225 -20.74 21.69 -3.19
C LEU B 225 -22.04 21.30 -3.89
N LEU B 226 -22.08 20.08 -4.44
CA LEU B 226 -23.27 19.60 -5.14
C LEU B 226 -24.28 18.96 -4.22
N ALA B 227 -23.83 18.24 -3.21
CA ALA B 227 -24.75 17.47 -2.35
C ALA B 227 -24.11 17.13 -1.04
N GLU B 228 -24.92 17.07 -0.01
CA GLU B 228 -24.44 16.70 1.34
C GLU B 228 -25.30 15.55 1.81
N TYR B 229 -24.66 14.59 2.46
CA TYR B 229 -25.26 13.34 2.87
C TYR B 229 -24.99 13.29 4.38
N PRO B 230 -25.70 14.13 5.17
CA PRO B 230 -25.34 14.34 6.59
C PRO B 230 -25.37 13.02 7.42
N GLU B 231 -26.13 12.05 6.92
CA GLU B 231 -26.32 10.76 7.53
C GLU B 231 -25.08 9.87 7.51
N SER B 232 -24.15 10.19 6.59
CA SER B 232 -22.88 9.50 6.47
C SER B 232 -21.70 10.48 6.53
N SER B 233 -21.94 11.72 6.96
CA SER B 233 -20.92 12.80 6.98
C SER B 233 -20.18 12.94 5.61
N VAL B 234 -20.88 12.58 4.52
CA VAL B 234 -20.33 12.66 3.13
C VAL B 234 -20.74 13.97 2.49
N LYS B 235 -19.81 14.54 1.76
CA LYS B 235 -20.08 15.69 0.94
C LYS B 235 -19.61 15.34 -0.49
N LEU B 236 -20.33 15.86 -1.49
CA LEU B 236 -19.98 15.69 -2.90
C LEU B 236 -19.69 17.07 -3.55
N PHE B 237 -18.48 17.19 -4.05
CA PHE B 237 -17.97 18.41 -4.68
C PHE B 237 -17.81 18.23 -6.16
N LYS B 238 -18.10 19.29 -6.90
CA LYS B 238 -17.62 19.44 -8.24
C LYS B 238 -16.39 20.38 -8.28
N GLY B 239 -15.38 20.01 -9.04
CA GLY B 239 -14.20 20.85 -9.26
C GLY B 239 -13.99 21.01 -10.76
N ILE B 240 -13.81 22.26 -11.22
CA ILE B 240 -13.35 22.53 -12.58
C ILE B 240 -12.13 23.39 -12.43
N LEU B 241 -11.14 23.12 -13.24
CA LEU B 241 -9.90 23.82 -13.04
CA LEU B 241 -9.86 23.79 -13.07
C LEU B 241 -9.99 25.27 -13.39
N LYS B 242 -9.57 26.14 -12.42
CA LYS B 242 -9.42 27.61 -12.63
C LYS B 242 -8.53 27.85 -13.85
N TRP B 243 -8.91 28.77 -14.73
CA TRP B 243 -8.04 29.19 -15.86
C TRP B 243 -7.26 30.44 -15.47
#